data_7M1E
#
_entry.id   7M1E
#
_entity_poly.entity_id   1
_entity_poly.type   'polypeptide(L)'
_entity_poly.pdbx_seq_one_letter_code
;GWINEEKIQKKIDERMGNTVLGGMAKAI
;
_entity_poly.pdbx_strand_id   A
#
# COMPACT_ATOMS: atom_id res chain seq x y z
N GLY A 1 17.84 8.67 1.62
CA GLY A 1 17.23 9.26 2.82
C GLY A 1 15.95 8.53 3.20
N TRP A 2 14.97 9.25 3.75
CA TRP A 2 13.73 8.70 4.32
C TRP A 2 12.44 9.51 4.06
N ILE A 3 12.52 10.83 3.88
CA ILE A 3 11.36 11.73 3.91
C ILE A 3 10.35 11.49 2.78
N ASN A 4 10.83 11.37 1.53
CA ASN A 4 9.97 10.94 0.43
C ASN A 4 9.81 9.43 0.40
N GLU A 5 10.87 8.72 0.73
CA GLU A 5 10.93 7.27 0.68
C GLU A 5 9.90 6.57 1.60
N GLU A 6 9.32 7.31 2.56
CA GLU A 6 8.25 6.79 3.43
C GLU A 6 6.85 7.11 2.85
N LYS A 7 6.72 8.31 2.29
CA LYS A 7 5.58 8.97 1.64
C LYS A 7 5.19 8.29 0.35
N ILE A 8 6.20 7.98 -0.46
CA ILE A 8 6.06 7.37 -1.79
C ILE A 8 5.57 5.93 -1.65
N GLN A 9 6.12 5.19 -0.68
CA GLN A 9 5.84 3.77 -0.51
C GLN A 9 4.48 3.53 0.14
N LYS A 10 4.11 4.36 1.12
CA LYS A 10 2.76 4.42 1.70
C LYS A 10 1.67 4.66 0.63
N LYS A 11 1.96 5.39 -0.44
CA LYS A 11 1.04 5.58 -1.59
C LYS A 11 1.00 4.37 -2.55
N ILE A 12 2.15 3.74 -2.84
CA ILE A 12 2.18 2.45 -3.58
C ILE A 12 1.36 1.37 -2.84
N ASP A 13 1.44 1.37 -1.52
CA ASP A 13 0.70 0.50 -0.62
C ASP A 13 -0.83 0.74 -0.60
N GLU A 14 -1.33 1.77 -1.27
CA GLU A 14 -2.76 1.93 -1.54
C GLU A 14 -3.08 1.32 -2.90
N ARG A 15 -2.37 1.76 -3.94
CA ARG A 15 -2.77 1.47 -5.33
C ARG A 15 -2.69 0.00 -5.71
N MET A 16 -1.69 -0.72 -5.18
CA MET A 16 -1.53 -2.17 -5.29
C MET A 16 -1.53 -2.87 -3.92
N GLY A 17 -1.15 -2.14 -2.85
CA GLY A 17 -1.10 -2.70 -1.50
C GLY A 17 -2.47 -3.02 -0.90
N ASN A 18 -3.57 -2.66 -1.55
CA ASN A 18 -4.92 -3.13 -1.22
C ASN A 18 -5.18 -4.50 -1.88
N THR A 19 -5.00 -4.64 -3.20
CA THR A 19 -5.36 -5.88 -3.92
C THR A 19 -4.59 -7.11 -3.43
N VAL A 20 -3.35 -6.96 -2.96
CA VAL A 20 -2.56 -8.08 -2.38
C VAL A 20 -3.09 -8.55 -1.02
N LEU A 21 -3.81 -7.71 -0.28
CA LEU A 21 -4.49 -8.03 1.00
C LEU A 21 -5.84 -8.65 0.70
N GLY A 22 -6.50 -8.09 -0.31
CA GLY A 22 -7.61 -8.71 -1.00
C GLY A 22 -7.16 -9.98 -1.75
N GLY A 23 -5.90 -10.41 -1.58
CA GLY A 23 -5.40 -11.69 -2.08
C GLY A 23 -4.88 -12.68 -1.03
N MET A 24 -4.03 -12.23 -0.10
CA MET A 24 -3.35 -13.10 0.88
C MET A 24 -3.84 -12.87 2.31
N ALA A 25 -3.98 -11.60 2.73
CA ALA A 25 -4.22 -11.23 4.12
C ALA A 25 -5.71 -11.23 4.56
N LYS A 26 -6.65 -11.21 3.61
CA LYS A 26 -8.10 -11.13 3.86
C LYS A 26 -8.89 -11.88 2.79
N ALA A 27 -8.55 -11.59 1.52
CA ALA A 27 -9.04 -12.30 0.34
C ALA A 27 -10.57 -12.40 0.20
N ILE A 28 -11.32 -11.38 0.64
CA ILE A 28 -12.80 -11.35 0.58
C ILE A 28 -13.37 -11.46 -0.83
N GLY A 1 17.30 9.60 -0.20
CA GLY A 1 16.47 10.55 0.55
C GLY A 1 15.28 9.83 1.16
N TRP A 2 15.28 9.63 2.47
CA TRP A 2 14.25 8.86 3.17
C TRP A 2 12.89 9.55 3.13
N ILE A 3 12.87 10.87 3.24
CA ILE A 3 11.64 11.67 3.36
C ILE A 3 10.62 11.43 2.22
N ASN A 4 11.10 11.20 1.00
CA ASN A 4 10.29 10.89 -0.19
C ASN A 4 9.75 9.46 -0.10
N GLU A 5 10.64 8.52 0.24
CA GLU A 5 10.28 7.12 0.56
C GLU A 5 9.38 7.02 1.81
N GLU A 6 9.25 8.11 2.58
CA GLU A 6 8.37 8.15 3.75
C GLU A 6 6.97 8.71 3.47
N LYS A 7 6.77 9.21 2.25
CA LYS A 7 5.46 9.59 1.67
C LYS A 7 5.06 8.82 0.42
N ILE A 8 5.99 8.11 -0.21
CA ILE A 8 5.73 7.20 -1.33
C ILE A 8 5.26 5.84 -0.82
N GLN A 9 5.85 5.28 0.24
CA GLN A 9 5.60 3.87 0.58
C GLN A 9 4.20 3.60 1.08
N LYS A 10 3.61 4.54 1.84
CA LYS A 10 2.21 4.57 2.20
C LYS A 10 1.28 4.53 0.97
N LYS A 11 1.65 5.24 -0.09
CA LYS A 11 0.96 5.26 -1.38
C LYS A 11 1.14 3.95 -2.16
N ILE A 12 2.34 3.36 -2.19
CA ILE A 12 2.55 2.00 -2.76
C ILE A 12 1.63 0.98 -2.07
N ASP A 13 1.51 1.10 -0.75
CA ASP A 13 0.66 0.29 0.11
C ASP A 13 -0.85 0.43 -0.17
N GLU A 14 -1.26 1.43 -0.96
CA GLU A 14 -2.63 1.55 -1.46
C GLU A 14 -2.74 1.03 -2.88
N ARG A 15 -1.91 1.52 -3.79
CA ARG A 15 -2.11 1.30 -5.23
C ARG A 15 -2.03 -0.16 -5.64
N MET A 16 -1.13 -0.91 -5.00
CA MET A 16 -0.99 -2.36 -5.12
C MET A 16 -1.18 -3.07 -3.77
N GLY A 17 -0.86 -2.41 -2.66
CA GLY A 17 -0.96 -3.00 -1.32
C GLY A 17 -2.38 -3.27 -0.85
N ASN A 18 -3.41 -2.76 -1.54
CA ASN A 18 -4.81 -3.16 -1.34
C ASN A 18 -5.12 -4.44 -2.11
N THR A 19 -4.90 -4.48 -3.44
CA THR A 19 -5.39 -5.60 -4.29
C THR A 19 -4.76 -6.96 -3.95
N VAL A 20 -3.52 -6.99 -3.45
CA VAL A 20 -2.85 -8.23 -3.03
C VAL A 20 -3.43 -8.82 -1.73
N LEU A 21 -4.10 -8.00 -0.91
CA LEU A 21 -4.77 -8.43 0.32
C LEU A 21 -6.27 -8.65 0.12
N GLY A 22 -6.87 -7.78 -0.68
CA GLY A 22 -8.32 -7.63 -0.78
C GLY A 22 -8.97 -7.20 0.54
N GLY A 23 -8.17 -6.70 1.48
CA GLY A 23 -8.49 -6.41 2.89
C GLY A 23 -8.69 -7.69 3.70
N MET A 24 -7.80 -7.99 4.65
CA MET A 24 -7.73 -9.30 5.35
C MET A 24 -9.03 -9.73 6.06
N ALA A 25 -9.83 -8.76 6.50
CA ALA A 25 -11.12 -8.99 7.16
C ALA A 25 -12.17 -9.65 6.24
N LYS A 26 -11.98 -9.56 4.93
CA LYS A 26 -12.85 -10.14 3.89
C LYS A 26 -12.05 -11.06 2.96
N ALA A 27 -11.04 -10.48 2.29
CA ALA A 27 -10.18 -11.03 1.24
C ALA A 27 -10.93 -11.76 0.09
N ILE A 28 -12.11 -11.24 -0.28
CA ILE A 28 -12.93 -11.69 -1.44
C ILE A 28 -12.79 -10.78 -2.65
N GLY A 1 15.91 11.33 -0.75
CA GLY A 1 16.24 11.21 0.68
C GLY A 1 15.80 9.89 1.23
N TRP A 2 15.07 9.93 2.35
CA TRP A 2 14.46 8.79 3.03
C TRP A 2 13.01 9.07 3.43
N ILE A 3 12.71 10.27 3.94
CA ILE A 3 11.42 10.63 4.57
C ILE A 3 10.25 10.55 3.59
N ASN A 4 10.34 11.26 2.47
CA ASN A 4 9.35 11.23 1.38
C ASN A 4 9.33 9.89 0.66
N GLU A 5 10.46 9.19 0.61
CA GLU A 5 10.53 7.82 0.14
C GLU A 5 9.79 6.83 1.06
N GLU A 6 9.21 7.30 2.17
CA GLU A 6 8.23 6.50 2.93
C GLU A 6 6.79 6.86 2.53
N LYS A 7 6.50 8.15 2.31
CA LYS A 7 5.26 8.71 1.79
C LYS A 7 4.88 8.14 0.43
N ILE A 8 5.88 8.03 -0.46
CA ILE A 8 5.80 7.41 -1.78
C ILE A 8 5.50 5.90 -1.67
N GLN A 9 6.03 5.22 -0.65
CA GLN A 9 5.84 3.78 -0.41
C GLN A 9 4.50 3.48 0.27
N LYS A 10 4.01 4.42 1.10
CA LYS A 10 2.66 4.46 1.66
C LYS A 10 1.61 4.61 0.54
N LYS A 11 1.93 5.31 -0.56
CA LYS A 11 1.11 5.34 -1.77
C LYS A 11 1.14 4.02 -2.56
N ILE A 12 2.29 3.33 -2.62
CA ILE A 12 2.36 1.96 -3.16
C ILE A 12 1.47 1.00 -2.34
N ASP A 13 1.45 1.18 -1.03
CA ASP A 13 0.61 0.44 -0.08
C ASP A 13 -0.90 0.63 -0.32
N GLU A 14 -1.32 1.62 -1.12
CA GLU A 14 -2.71 1.75 -1.57
C GLU A 14 -2.88 1.21 -2.99
N ARG A 15 -2.08 1.69 -3.94
CA ARG A 15 -2.35 1.45 -5.37
C ARG A 15 -2.14 0.00 -5.83
N MET A 16 -1.44 -0.78 -5.02
CA MET A 16 -1.33 -2.24 -5.14
C MET A 16 -1.42 -2.91 -3.77
N GLY A 17 -0.98 -2.24 -2.70
CA GLY A 17 -1.02 -2.82 -1.35
C GLY A 17 -2.42 -3.13 -0.84
N ASN A 18 -3.46 -2.49 -1.38
CA ASN A 18 -4.85 -2.86 -1.07
C ASN A 18 -5.29 -4.16 -1.76
N THR A 19 -5.02 -4.30 -3.06
CA THR A 19 -5.52 -5.44 -3.84
C THR A 19 -4.79 -6.75 -3.51
N VAL A 20 -3.49 -6.69 -3.20
CA VAL A 20 -2.67 -7.83 -2.74
C VAL A 20 -2.96 -8.24 -1.28
N LEU A 21 -3.91 -7.57 -0.61
CA LEU A 21 -4.34 -7.87 0.76
C LEU A 21 -5.87 -8.05 0.89
N GLY A 22 -6.60 -7.79 -0.20
CA GLY A 22 -8.06 -7.75 -0.36
C GLY A 22 -8.86 -9.03 -0.10
N GLY A 23 -8.66 -9.66 1.05
CA GLY A 23 -9.36 -10.84 1.55
C GLY A 23 -8.73 -12.17 1.16
N MET A 24 -7.52 -12.17 0.61
CA MET A 24 -6.73 -13.25 -0.06
C MET A 24 -7.08 -14.72 0.21
N ALA A 25 -7.34 -15.09 1.46
CA ALA A 25 -7.86 -16.41 1.84
C ALA A 25 -9.18 -16.80 1.13
N LYS A 26 -10.02 -15.80 0.79
CA LYS A 26 -11.32 -15.89 0.11
C LYS A 26 -11.51 -14.86 -1.04
N ALA A 27 -11.04 -13.63 -0.83
CA ALA A 27 -11.01 -12.49 -1.75
C ALA A 27 -12.30 -12.21 -2.55
N ILE A 28 -13.45 -12.44 -1.93
CA ILE A 28 -14.78 -12.05 -2.42
C ILE A 28 -15.05 -10.56 -2.22
N GLY A 1 13.14 15.70 -3.85
CA GLY A 1 13.13 15.39 -2.40
C GLY A 1 13.33 13.92 -2.12
N TRP A 2 13.31 13.59 -0.82
CA TRP A 2 13.41 12.23 -0.29
C TRP A 2 12.39 11.91 0.81
N ILE A 3 11.94 12.91 1.59
CA ILE A 3 11.14 12.71 2.81
C ILE A 3 9.73 12.18 2.51
N ASN A 4 8.95 12.85 1.66
CA ASN A 4 7.64 12.32 1.25
C ASN A 4 7.77 11.00 0.51
N GLU A 5 8.86 10.78 -0.22
CA GLU A 5 9.12 9.52 -0.93
C GLU A 5 9.30 8.32 0.03
N GLU A 6 9.42 8.55 1.35
CA GLU A 6 9.37 7.46 2.34
C GLU A 6 7.93 7.09 2.73
N LYS A 7 7.02 8.08 2.71
CA LYS A 7 5.60 8.02 2.96
C LYS A 7 4.90 7.42 1.75
N ILE A 8 5.14 8.02 0.57
CA ILE A 8 4.52 7.71 -0.71
C ILE A 8 4.72 6.23 -1.04
N GLN A 9 5.93 5.70 -0.84
CA GLN A 9 6.22 4.31 -1.25
C GLN A 9 5.52 3.27 -0.37
N LYS A 10 5.33 3.59 0.92
CA LYS A 10 4.47 2.86 1.85
C LYS A 10 2.98 3.02 1.52
N LYS A 11 2.55 4.14 0.93
CA LYS A 11 1.18 4.31 0.39
C LYS A 11 0.95 3.53 -0.93
N ILE A 12 1.96 3.41 -1.80
CA ILE A 12 1.90 2.50 -2.97
C ILE A 12 1.71 1.05 -2.49
N ASP A 13 2.36 0.69 -1.39
CA ASP A 13 2.26 -0.61 -0.71
C ASP A 13 0.90 -0.87 -0.01
N GLU A 14 -0.04 0.07 -0.12
CA GLU A 14 -1.44 -0.12 0.24
C GLU A 14 -2.25 -0.20 -1.04
N ARG A 15 -2.15 0.83 -1.87
CA ARG A 15 -3.07 0.98 -3.01
C ARG A 15 -2.87 -0.12 -4.07
N MET A 16 -1.65 -0.65 -4.15
CA MET A 16 -1.33 -1.87 -4.89
C MET A 16 -1.10 -3.04 -3.93
N GLY A 17 -0.37 -2.80 -2.84
CA GLY A 17 0.01 -3.87 -1.90
C GLY A 17 -1.16 -4.63 -1.27
N ASN A 18 -2.34 -4.03 -1.19
CA ASN A 18 -3.58 -4.68 -0.74
C ASN A 18 -4.25 -5.52 -1.84
N THR A 19 -4.32 -5.01 -3.09
CA THR A 19 -4.99 -5.74 -4.19
C THR A 19 -4.22 -6.99 -4.61
N VAL A 20 -2.89 -6.94 -4.57
CA VAL A 20 -2.00 -8.09 -4.86
C VAL A 20 -2.05 -9.14 -3.74
N LEU A 21 -2.24 -8.70 -2.49
CA LEU A 21 -2.40 -9.57 -1.31
C LEU A 21 -3.78 -10.25 -1.26
N GLY A 22 -4.82 -9.57 -1.74
CA GLY A 22 -6.22 -10.01 -1.63
C GLY A 22 -6.87 -9.77 -0.26
N GLY A 23 -6.15 -9.16 0.68
CA GLY A 23 -6.64 -8.73 1.99
C GLY A 23 -7.36 -9.83 2.81
N MET A 24 -6.82 -11.06 2.86
CA MET A 24 -7.31 -12.25 3.53
C MET A 24 -8.58 -12.88 2.94
N ALA A 25 -9.55 -12.02 2.66
CA ALA A 25 -10.88 -12.31 2.14
C ALA A 25 -11.61 -11.05 1.60
N LYS A 26 -10.91 -9.91 1.50
CA LYS A 26 -11.48 -8.59 1.13
C LYS A 26 -11.30 -8.34 -0.36
N ALA A 27 -10.07 -8.03 -0.75
CA ALA A 27 -9.63 -7.52 -2.06
C ALA A 27 -10.45 -6.29 -2.56
N ILE A 28 -11.01 -5.52 -1.61
CA ILE A 28 -11.95 -4.41 -1.87
C ILE A 28 -11.36 -3.29 -2.70
N GLY A 1 18.06 9.37 0.56
CA GLY A 1 17.15 10.04 1.51
C GLY A 1 15.90 9.21 1.71
N TRP A 2 15.25 9.40 2.87
CA TRP A 2 14.04 8.67 3.30
C TRP A 2 12.75 9.49 3.18
N ILE A 3 12.83 10.82 3.20
CA ILE A 3 11.67 11.72 3.40
C ILE A 3 10.52 11.51 2.41
N ASN A 4 10.79 11.51 1.10
CA ASN A 4 9.78 11.18 0.10
C ASN A 4 9.48 9.69 0.07
N GLU A 5 10.48 8.85 0.27
CA GLU A 5 10.32 7.39 0.28
C GLU A 5 9.35 6.93 1.38
N GLU A 6 9.07 7.80 2.36
CA GLU A 6 8.22 7.57 3.51
C GLU A 6 6.76 7.96 3.24
N LYS A 7 6.47 8.82 2.24
CA LYS A 7 5.11 9.00 1.73
C LYS A 7 4.89 8.04 0.55
N ILE A 8 5.91 7.91 -0.30
CA ILE A 8 5.82 7.18 -1.57
C ILE A 8 5.47 5.72 -1.29
N GLN A 9 6.14 5.07 -0.34
CA GLN A 9 5.89 3.65 -0.04
C GLN A 9 4.55 3.43 0.67
N LYS A 10 4.10 4.43 1.44
CA LYS A 10 2.75 4.51 2.02
C LYS A 10 1.66 4.74 0.95
N LYS A 11 2.00 5.24 -0.24
CA LYS A 11 1.12 5.26 -1.42
C LYS A 11 1.17 3.93 -2.20
N ILE A 12 2.34 3.26 -2.28
CA ILE A 12 2.43 1.88 -2.80
C ILE A 12 1.56 0.92 -1.98
N ASP A 13 1.50 1.12 -0.67
CA ASP A 13 0.60 0.46 0.29
C ASP A 13 -0.90 0.61 -0.06
N GLU A 14 -1.27 1.52 -0.95
CA GLU A 14 -2.63 1.66 -1.48
C GLU A 14 -2.71 1.04 -2.87
N ARG A 15 -1.90 1.52 -3.82
CA ARG A 15 -2.12 1.15 -5.23
C ARG A 15 -1.88 -0.32 -5.50
N MET A 16 -0.89 -0.91 -4.82
CA MET A 16 -0.65 -2.35 -4.82
C MET A 16 -1.15 -2.96 -3.52
N GLY A 17 -0.90 -2.31 -2.37
CA GLY A 17 -1.19 -2.89 -1.06
C GLY A 17 -2.65 -3.20 -0.79
N ASN A 18 -3.59 -2.46 -1.41
CA ASN A 18 -5.03 -2.77 -1.28
C ASN A 18 -5.43 -4.01 -2.09
N THR A 19 -4.84 -4.24 -3.28
CA THR A 19 -5.23 -5.36 -4.16
C THR A 19 -4.58 -6.68 -3.78
N VAL A 20 -3.33 -6.67 -3.28
CA VAL A 20 -2.67 -7.89 -2.78
C VAL A 20 -3.34 -8.45 -1.51
N LEU A 21 -3.95 -7.57 -0.70
CA LEU A 21 -4.83 -7.95 0.41
C LEU A 21 -6.15 -8.57 -0.09
N GLY A 22 -6.73 -7.98 -1.13
CA GLY A 22 -7.98 -8.42 -1.77
C GLY A 22 -9.25 -8.08 -0.97
N GLY A 23 -9.20 -8.25 0.35
CA GLY A 23 -10.22 -7.86 1.33
C GLY A 23 -9.91 -8.40 2.73
N MET A 24 -10.65 -7.92 3.74
CA MET A 24 -10.41 -8.31 5.14
C MET A 24 -10.71 -9.79 5.41
N ALA A 25 -11.82 -10.29 4.88
CA ALA A 25 -12.27 -11.67 5.00
C ALA A 25 -12.88 -12.24 3.70
N LYS A 26 -13.73 -11.47 3.00
CA LYS A 26 -14.56 -11.95 1.87
C LYS A 26 -13.81 -11.96 0.54
N ALA A 27 -13.00 -10.92 0.34
CA ALA A 27 -12.20 -10.64 -0.87
C ALA A 27 -13.04 -10.28 -2.12
N ILE A 28 -13.88 -9.26 -1.93
CA ILE A 28 -14.75 -8.55 -2.88
C ILE A 28 -14.53 -7.03 -2.83
N GLY A 1 16.39 13.36 -1.96
CA GLY A 1 15.67 13.43 -0.67
C GLY A 1 15.18 12.05 -0.25
N TRP A 2 14.66 11.92 0.97
CA TRP A 2 14.31 10.64 1.63
C TRP A 2 12.95 10.66 2.37
N ILE A 3 12.55 11.77 2.99
CA ILE A 3 11.40 11.84 3.92
C ILE A 3 10.02 11.65 3.27
N ASN A 4 9.74 12.29 2.13
CA ASN A 4 8.52 12.01 1.35
C ASN A 4 8.47 10.58 0.85
N GLU A 5 9.64 10.09 0.43
CA GLU A 5 9.84 8.76 -0.12
C GLU A 5 9.54 7.66 0.91
N GLU A 6 9.26 8.02 2.17
CA GLU A 6 8.72 7.11 3.18
C GLU A 6 7.19 6.99 3.03
N LYS A 7 6.46 8.12 3.02
CA LYS A 7 4.99 8.05 3.00
C LYS A 7 4.49 7.64 1.63
N ILE A 8 5.18 8.12 0.60
CA ILE A 8 4.87 7.86 -0.80
C ILE A 8 4.91 6.34 -1.08
N GLN A 9 5.87 5.64 -0.47
CA GLN A 9 6.05 4.19 -0.66
C GLN A 9 5.10 3.35 0.21
N LYS A 10 4.77 3.83 1.42
CA LYS A 10 3.68 3.30 2.25
C LYS A 10 2.31 3.43 1.56
N LYS A 11 2.14 4.35 0.60
CA LYS A 11 0.98 4.43 -0.31
C LYS A 11 1.09 3.50 -1.52
N ILE A 12 2.29 3.23 -2.05
CA ILE A 12 2.49 2.14 -3.03
C ILE A 12 2.06 0.80 -2.41
N ASP A 13 2.28 0.63 -1.10
CA ASP A 13 1.89 -0.56 -0.33
C ASP A 13 0.36 -0.73 -0.21
N GLU A 14 -0.44 0.31 -0.48
CA GLU A 14 -1.89 0.21 -0.61
C GLU A 14 -2.28 -0.12 -2.05
N ARG A 15 -1.66 0.53 -3.03
CA ARG A 15 -2.15 0.44 -4.41
C ARG A 15 -1.97 -0.96 -4.99
N MET A 16 -0.87 -1.61 -4.59
CA MET A 16 -0.60 -3.01 -4.83
C MET A 16 -1.31 -3.84 -3.76
N GLY A 17 -1.24 -3.40 -2.49
CA GLY A 17 -1.83 -4.12 -1.34
C GLY A 17 -3.29 -4.54 -1.54
N ASN A 18 -4.07 -3.68 -2.20
CA ASN A 18 -5.50 -3.89 -2.41
C ASN A 18 -5.84 -4.97 -3.44
N THR A 19 -4.91 -5.32 -4.34
CA THR A 19 -5.11 -6.46 -5.27
C THR A 19 -4.36 -7.71 -4.82
N VAL A 20 -3.14 -7.58 -4.29
CA VAL A 20 -2.30 -8.73 -3.93
C VAL A 20 -2.83 -9.46 -2.68
N LEU A 21 -3.20 -8.71 -1.63
CA LEU A 21 -3.85 -9.23 -0.41
C LEU A 21 -5.37 -9.30 -0.55
N GLY A 22 -5.92 -8.50 -1.48
CA GLY A 22 -7.33 -8.17 -1.57
C GLY A 22 -7.72 -6.98 -0.67
N GLY A 23 -6.72 -6.31 -0.09
CA GLY A 23 -6.84 -5.19 0.86
C GLY A 23 -6.73 -5.66 2.30
N MET A 24 -5.76 -5.14 3.07
CA MET A 24 -5.42 -5.61 4.42
C MET A 24 -6.61 -5.68 5.41
N ALA A 25 -7.58 -4.78 5.27
CA ALA A 25 -8.76 -4.68 6.13
C ALA A 25 -10.06 -5.24 5.51
N LYS A 26 -10.01 -5.88 4.32
CA LYS A 26 -11.19 -6.40 3.61
C LYS A 26 -10.97 -7.77 2.95
N ALA A 27 -9.83 -7.94 2.27
CA ALA A 27 -9.31 -9.17 1.66
C ALA A 27 -10.32 -9.84 0.70
N ILE A 28 -10.92 -9.04 -0.18
CA ILE A 28 -11.96 -9.46 -1.14
C ILE A 28 -11.41 -10.16 -2.40
N GLY A 1 17.92 9.37 -0.87
CA GLY A 1 16.94 10.27 -0.24
C GLY A 1 15.80 9.49 0.39
N TRP A 2 15.34 9.92 1.57
CA TRP A 2 14.20 9.32 2.30
C TRP A 2 12.98 10.26 2.24
N ILE A 3 12.49 10.75 3.38
CA ILE A 3 11.50 11.83 3.52
C ILE A 3 10.15 11.58 2.84
N ASN A 4 10.09 12.02 1.60
CA ASN A 4 9.06 11.91 0.60
C ASN A 4 8.92 10.52 0.08
N GLU A 5 10.07 9.91 -0.18
CA GLU A 5 10.15 8.54 -0.66
C GLU A 5 9.59 7.57 0.40
N GLU A 6 9.43 8.01 1.65
CA GLU A 6 8.76 7.22 2.70
C GLU A 6 7.23 7.35 2.65
N LYS A 7 6.73 8.56 2.40
CA LYS A 7 5.29 8.85 2.27
C LYS A 7 4.74 8.37 0.92
N ILE A 8 5.60 8.36 -0.11
CA ILE A 8 5.32 7.68 -1.37
C ILE A 8 5.14 6.17 -1.09
N GLN A 9 6.05 5.52 -0.36
CA GLN A 9 5.99 4.08 -0.11
C GLN A 9 4.79 3.68 0.74
N LYS A 10 4.38 4.51 1.70
CA LYS A 10 3.13 4.41 2.45
C LYS A 10 1.87 4.46 1.57
N LYS A 11 1.90 5.14 0.41
CA LYS A 11 0.84 5.08 -0.62
C LYS A 11 0.99 3.88 -1.57
N ILE A 12 2.22 3.50 -1.94
CA ILE A 12 2.48 2.24 -2.70
C ILE A 12 1.92 1.02 -1.95
N ASP A 13 2.07 1.02 -0.63
CA ASP A 13 1.52 0.07 0.34
C ASP A 13 -0.03 0.02 0.37
N GLU A 14 -0.73 0.97 -0.26
CA GLU A 14 -2.18 0.90 -0.50
C GLU A 14 -2.47 0.38 -1.90
N ARG A 15 -1.88 1.01 -2.93
CA ARG A 15 -2.27 0.74 -4.33
C ARG A 15 -1.94 -0.69 -4.75
N MET A 16 -0.81 -1.22 -4.25
CA MET A 16 -0.39 -2.61 -4.42
C MET A 16 -0.90 -3.45 -3.25
N GLY A 17 -0.82 -2.93 -2.03
CA GLY A 17 -1.13 -3.69 -0.81
C GLY A 17 -2.59 -4.16 -0.69
N ASN A 18 -3.51 -3.57 -1.46
CA ASN A 18 -4.88 -4.09 -1.61
C ASN A 18 -4.96 -5.19 -2.68
N THR A 19 -4.48 -4.94 -3.92
CA THR A 19 -4.67 -5.86 -5.06
C THR A 19 -4.02 -7.22 -4.87
N VAL A 20 -2.84 -7.28 -4.24
CA VAL A 20 -2.13 -8.55 -3.96
C VAL A 20 -2.83 -9.45 -2.93
N LEU A 21 -3.87 -8.94 -2.26
CA LEU A 21 -4.65 -9.59 -1.21
C LEU A 21 -6.15 -9.72 -1.53
N GLY A 22 -6.67 -8.81 -2.37
CA GLY A 22 -8.10 -8.62 -2.65
C GLY A 22 -8.78 -7.56 -1.76
N GLY A 23 -8.04 -6.98 -0.81
CA GLY A 23 -8.50 -5.95 0.12
C GLY A 23 -7.42 -5.60 1.15
N MET A 24 -7.75 -4.86 2.21
CA MET A 24 -6.78 -4.39 3.21
C MET A 24 -6.14 -5.52 4.04
N ALA A 25 -6.98 -6.38 4.64
CA ALA A 25 -6.58 -7.37 5.65
C ALA A 25 -7.35 -8.71 5.63
N LYS A 26 -8.54 -8.75 5.00
CA LYS A 26 -9.48 -9.88 5.00
C LYS A 26 -9.93 -10.25 3.58
N ALA A 27 -10.22 -9.23 2.78
CA ALA A 27 -10.71 -9.34 1.39
C ALA A 27 -12.04 -10.11 1.30
N ILE A 28 -13.05 -9.64 2.04
CA ILE A 28 -14.40 -10.22 2.19
C ILE A 28 -15.50 -9.16 2.04
N GLY A 1 16.63 10.65 0.42
CA GLY A 1 15.95 11.15 1.63
C GLY A 1 14.85 10.21 2.03
N TRP A 2 14.95 9.65 3.23
CA TRP A 2 14.12 8.54 3.71
C TRP A 2 12.65 8.96 3.82
N ILE A 3 12.39 10.16 4.34
CA ILE A 3 11.07 10.73 4.62
C ILE A 3 10.14 10.78 3.38
N ASN A 4 10.67 11.13 2.21
CA ASN A 4 9.91 11.24 0.94
C ASN A 4 9.60 9.84 0.41
N GLU A 5 10.59 8.96 0.52
CA GLU A 5 10.42 7.54 0.25
C GLU A 5 9.48 6.86 1.26
N GLU A 6 9.11 7.49 2.38
CA GLU A 6 8.02 6.93 3.21
C GLU A 6 6.64 7.21 2.59
N LYS A 7 6.42 8.46 2.16
CA LYS A 7 5.14 8.97 1.65
C LYS A 7 4.82 8.46 0.25
N ILE A 8 5.87 8.26 -0.55
CA ILE A 8 5.81 7.57 -1.85
C ILE A 8 5.43 6.09 -1.67
N GLN A 9 6.01 5.39 -0.70
CA GLN A 9 5.83 3.93 -0.57
C GLN A 9 4.52 3.57 0.12
N LYS A 10 4.05 4.45 1.01
CA LYS A 10 2.70 4.44 1.56
C LYS A 10 1.67 4.55 0.43
N LYS A 11 1.89 5.38 -0.60
CA LYS A 11 1.01 5.39 -1.80
C LYS A 11 1.03 4.04 -2.55
N ILE A 12 2.20 3.43 -2.75
CA ILE A 12 2.31 2.10 -3.39
C ILE A 12 1.55 1.03 -2.59
N ASP A 13 1.63 1.09 -1.26
CA ASP A 13 0.93 0.24 -0.30
C ASP A 13 -0.60 0.42 -0.30
N GLU A 14 -1.11 1.42 -1.01
CA GLU A 14 -2.54 1.56 -1.31
C GLU A 14 -2.79 1.08 -2.74
N ARG A 15 -2.10 1.67 -3.73
CA ARG A 15 -2.47 1.45 -5.14
C ARG A 15 -2.35 -0.01 -5.60
N MET A 16 -1.30 -0.72 -5.16
CA MET A 16 -1.17 -2.18 -5.30
C MET A 16 -1.35 -2.87 -3.95
N GLY A 17 -0.94 -2.24 -2.85
CA GLY A 17 -1.00 -2.84 -1.52
C GLY A 17 -2.41 -3.15 -1.01
N ASN A 18 -3.47 -2.58 -1.61
CA ASN A 18 -4.86 -2.93 -1.32
C ASN A 18 -5.38 -4.14 -2.13
N THR A 19 -4.81 -4.47 -3.30
CA THR A 19 -5.21 -5.68 -4.05
C THR A 19 -4.59 -6.94 -3.46
N VAL A 20 -3.29 -6.89 -3.09
CA VAL A 20 -2.56 -7.99 -2.44
C VAL A 20 -3.05 -8.31 -1.01
N LEU A 21 -3.56 -7.31 -0.30
CA LEU A 21 -4.25 -7.45 1.00
C LEU A 21 -5.68 -8.02 0.88
N GLY A 22 -6.24 -8.01 -0.34
CA GLY A 22 -7.63 -8.35 -0.65
C GLY A 22 -8.58 -7.17 -0.51
N GLY A 23 -8.26 -6.21 0.37
CA GLY A 23 -8.97 -4.95 0.58
C GLY A 23 -8.65 -4.31 1.93
N MET A 24 -8.88 -2.99 2.07
CA MET A 24 -8.47 -2.20 3.26
C MET A 24 -9.19 -2.57 4.57
N ALA A 25 -10.39 -3.14 4.49
CA ALA A 25 -11.13 -3.66 5.65
C ALA A 25 -12.09 -4.82 5.34
N LYS A 26 -12.77 -4.83 4.18
CA LYS A 26 -13.76 -5.85 3.85
C LYS A 26 -13.16 -7.12 3.25
N ALA A 27 -12.08 -6.97 2.47
CA ALA A 27 -11.37 -8.01 1.72
C ALA A 27 -12.16 -8.54 0.51
N ILE A 28 -12.93 -7.62 -0.08
CA ILE A 28 -13.76 -7.73 -1.30
C ILE A 28 -13.55 -6.46 -2.12
N GLY A 1 15.81 12.09 -0.41
CA GLY A 1 15.27 12.53 0.88
C GLY A 1 14.42 11.42 1.46
N TRP A 2 14.63 11.09 2.74
CA TRP A 2 14.10 9.88 3.39
C TRP A 2 12.59 9.87 3.49
N ILE A 3 12.01 11.04 3.75
CA ILE A 3 10.56 11.25 3.94
C ILE A 3 9.76 11.03 2.66
N ASN A 4 10.30 11.45 1.52
CA ASN A 4 9.64 11.31 0.21
C ASN A 4 9.63 9.83 -0.18
N GLU A 5 10.77 9.15 0.06
CA GLU A 5 10.88 7.70 -0.04
C GLU A 5 10.03 6.97 1.00
N GLU A 6 9.55 7.63 2.06
CA GLU A 6 8.56 7.01 2.98
C GLU A 6 7.12 7.21 2.51
N LYS A 7 6.76 8.41 2.04
CA LYS A 7 5.38 8.79 1.69
C LYS A 7 4.97 8.19 0.35
N ILE A 8 5.93 8.00 -0.55
CA ILE A 8 5.69 7.35 -1.84
C ILE A 8 5.38 5.87 -1.60
N GLN A 9 6.11 5.21 -0.69
CA GLN A 9 5.88 3.80 -0.40
C GLN A 9 4.59 3.56 0.42
N LYS A 10 4.24 4.49 1.31
CA LYS A 10 2.93 4.56 1.98
C LYS A 10 1.77 4.75 0.99
N LYS A 11 1.99 5.30 -0.21
CA LYS A 11 1.03 5.32 -1.33
C LYS A 11 1.05 4.01 -2.14
N ILE A 12 2.21 3.35 -2.31
CA ILE A 12 2.28 1.97 -2.88
C ILE A 12 1.45 0.98 -2.04
N ASP A 13 1.47 1.15 -0.72
CA ASP A 13 0.66 0.44 0.27
C ASP A 13 -0.87 0.60 0.06
N GLU A 14 -1.30 1.55 -0.80
CA GLU A 14 -2.68 1.64 -1.28
C GLU A 14 -2.79 1.06 -2.69
N ARG A 15 -2.01 1.58 -3.65
CA ARG A 15 -2.23 1.28 -5.07
C ARG A 15 -1.85 -0.14 -5.52
N MET A 16 -1.09 -0.84 -4.67
CA MET A 16 -0.81 -2.28 -4.76
C MET A 16 -1.14 -2.95 -3.43
N GLY A 17 -0.85 -2.27 -2.31
CA GLY A 17 -1.06 -2.79 -0.96
C GLY A 17 -2.51 -3.01 -0.56
N ASN A 18 -3.48 -2.62 -1.40
CA ASN A 18 -4.89 -3.03 -1.24
C ASN A 18 -5.19 -4.30 -2.08
N THR A 19 -4.82 -4.39 -3.37
CA THR A 19 -5.16 -5.56 -4.23
C THR A 19 -4.50 -6.85 -3.76
N VAL A 20 -3.29 -6.78 -3.18
CA VAL A 20 -2.59 -7.95 -2.62
C VAL A 20 -3.34 -8.55 -1.43
N LEU A 21 -4.18 -7.77 -0.74
CA LEU A 21 -5.07 -8.19 0.35
C LEU A 21 -6.50 -8.47 -0.10
N GLY A 22 -6.88 -7.94 -1.26
CA GLY A 22 -8.27 -7.85 -1.69
C GLY A 22 -9.04 -6.71 -0.99
N GLY A 23 -8.30 -5.81 -0.34
CA GLY A 23 -8.79 -4.75 0.54
C GLY A 23 -8.85 -5.15 2.02
N MET A 24 -9.51 -4.33 2.82
CA MET A 24 -9.53 -4.42 4.30
C MET A 24 -10.92 -4.68 4.88
N ALA A 25 -11.94 -4.06 4.30
CA ALA A 25 -13.34 -4.23 4.71
C ALA A 25 -13.97 -5.51 4.16
N LYS A 26 -13.78 -5.79 2.86
CA LYS A 26 -14.27 -6.96 2.12
C LYS A 26 -13.20 -8.05 2.03
N ALA A 27 -11.96 -7.63 1.76
CA ALA A 27 -10.75 -8.47 1.71
C ALA A 27 -10.87 -9.72 0.81
N ILE A 28 -11.45 -9.52 -0.38
CA ILE A 28 -11.68 -10.53 -1.44
C ILE A 28 -10.58 -10.53 -2.50
N GLY A 1 16.73 10.51 -0.80
CA GLY A 1 16.46 10.91 0.59
C GLY A 1 15.87 9.77 1.38
N TRP A 2 15.17 10.11 2.46
CA TRP A 2 14.38 9.18 3.28
C TRP A 2 12.90 9.63 3.41
N ILE A 3 12.63 10.94 3.36
CA ILE A 3 11.32 11.52 3.69
C ILE A 3 10.29 11.25 2.59
N ASN A 4 10.62 11.53 1.33
CA ASN A 4 9.77 11.17 0.19
C ASN A 4 9.70 9.65 0.02
N GLU A 5 10.80 8.96 0.35
CA GLU A 5 10.94 7.51 0.25
C GLU A 5 10.17 6.73 1.34
N GLU A 6 9.43 7.42 2.21
CA GLU A 6 8.43 6.84 3.13
C GLU A 6 7.00 7.19 2.70
N LYS A 7 6.82 8.41 2.16
CA LYS A 7 5.63 9.01 1.55
C LYS A 7 5.18 8.22 0.33
N ILE A 8 6.14 7.84 -0.51
CA ILE A 8 5.93 7.04 -1.71
C ILE A 8 5.45 5.64 -1.33
N GLN A 9 6.03 5.03 -0.30
CA GLN A 9 5.69 3.68 0.14
C GLN A 9 4.24 3.61 0.66
N LYS A 10 3.84 4.61 1.47
CA LYS A 10 2.47 4.83 1.92
C LYS A 10 1.45 5.00 0.78
N LYS A 11 1.83 5.53 -0.38
CA LYS A 11 0.99 5.58 -1.60
C LYS A 11 0.98 4.26 -2.37
N ILE A 12 2.11 3.56 -2.53
CA ILE A 12 2.13 2.21 -3.13
C ILE A 12 1.25 1.23 -2.33
N ASP A 13 1.23 1.40 -1.01
CA ASP A 13 0.37 0.70 -0.07
C ASP A 13 -1.15 0.95 -0.27
N GLU A 14 -1.56 1.88 -1.14
CA GLU A 14 -2.96 2.08 -1.56
C GLU A 14 -3.24 1.45 -2.91
N ARG A 15 -2.31 1.55 -3.87
CA ARG A 15 -2.57 1.12 -5.25
C ARG A 15 -2.18 -0.33 -5.53
N MET A 16 -1.27 -0.87 -4.71
CA MET A 16 -0.88 -2.28 -4.67
C MET A 16 -1.16 -2.90 -3.29
N GLY A 17 -1.02 -2.13 -2.21
CA GLY A 17 -1.22 -2.63 -0.85
C GLY A 17 -2.66 -3.05 -0.53
N ASN A 18 -3.62 -2.74 -1.42
CA ASN A 18 -4.97 -3.29 -1.39
C ASN A 18 -5.09 -4.56 -2.25
N THR A 19 -4.63 -4.58 -3.51
CA THR A 19 -4.88 -5.71 -4.43
C THR A 19 -4.28 -7.05 -3.97
N VAL A 20 -3.12 -7.01 -3.30
CA VAL A 20 -2.46 -8.20 -2.72
C VAL A 20 -3.17 -8.74 -1.47
N LEU A 21 -4.01 -7.92 -0.84
CA LEU A 21 -4.68 -8.16 0.45
C LEU A 21 -6.17 -8.49 0.27
N GLY A 22 -6.88 -7.60 -0.41
CA GLY A 22 -8.26 -7.70 -0.88
C GLY A 22 -9.35 -7.54 0.16
N GLY A 23 -9.02 -7.70 1.45
CA GLY A 23 -9.95 -7.68 2.58
C GLY A 23 -10.63 -9.02 2.76
N MET A 24 -10.58 -9.63 3.95
CA MET A 24 -10.97 -10.99 4.20
C MET A 24 -12.44 -11.33 3.85
N ALA A 25 -13.35 -10.33 3.85
CA ALA A 25 -14.76 -10.49 3.47
C ALA A 25 -15.04 -10.32 1.96
N LYS A 26 -14.07 -9.83 1.16
CA LYS A 26 -14.21 -9.56 -0.28
C LYS A 26 -13.19 -10.33 -1.12
N ALA A 27 -11.93 -10.15 -0.78
CA ALA A 27 -10.73 -10.72 -1.38
C ALA A 27 -10.68 -10.48 -2.90
N ILE A 28 -10.87 -9.21 -3.28
CA ILE A 28 -10.88 -8.68 -4.66
C ILE A 28 -9.49 -8.23 -5.13
N GLY A 1 13.21 16.24 -0.48
CA GLY A 1 13.51 15.60 0.80
C GLY A 1 13.85 14.13 0.61
N TRP A 2 13.57 13.35 1.66
CA TRP A 2 13.74 11.89 1.71
C TRP A 2 12.56 11.18 2.38
N ILE A 3 11.99 11.80 3.42
CA ILE A 3 10.94 11.24 4.29
C ILE A 3 9.59 11.13 3.57
N ASN A 4 9.27 12.16 2.80
CA ASN A 4 8.05 12.32 1.98
C ASN A 4 8.03 11.24 0.91
N GLU A 5 9.19 11.09 0.28
CA GLU A 5 9.48 10.10 -0.75
C GLU A 5 9.51 8.69 -0.16
N GLU A 6 9.66 8.54 1.16
CA GLU A 6 9.51 7.22 1.81
C GLU A 6 8.04 6.89 2.07
N LYS A 7 7.24 7.86 2.53
CA LYS A 7 5.84 7.65 2.95
C LYS A 7 4.90 7.56 1.76
N ILE A 8 5.20 8.26 0.68
CA ILE A 8 4.49 8.15 -0.61
C ILE A 8 4.68 6.73 -1.17
N GLN A 9 5.91 6.22 -1.17
CA GLN A 9 6.19 4.89 -1.72
C GLN A 9 5.65 3.77 -0.80
N LYS A 10 5.65 3.99 0.52
CA LYS A 10 4.96 3.14 1.52
C LYS A 10 3.42 3.15 1.33
N LYS A 11 2.82 4.20 0.78
CA LYS A 11 1.41 4.22 0.35
C LYS A 11 1.16 3.39 -0.91
N ILE A 12 2.05 3.43 -1.89
CA ILE A 12 1.96 2.54 -3.06
C ILE A 12 2.11 1.07 -2.66
N ASP A 13 2.90 0.80 -1.61
CA ASP A 13 3.01 -0.50 -0.95
C ASP A 13 1.69 -0.94 -0.24
N GLU A 14 0.70 -0.04 -0.08
CA GLU A 14 -0.67 -0.40 0.33
C GLU A 14 -1.56 -0.58 -0.89
N ARG A 15 -1.52 0.34 -1.86
CA ARG A 15 -2.52 0.34 -2.94
C ARG A 15 -2.36 -0.86 -3.87
N MET A 16 -1.11 -1.30 -4.03
CA MET A 16 -0.78 -2.57 -4.68
C MET A 16 -0.83 -3.69 -3.63
N GLY A 17 -0.30 -3.43 -2.43
CA GLY A 17 -0.20 -4.45 -1.36
C GLY A 17 -1.51 -4.96 -0.78
N ASN A 18 -2.63 -4.30 -1.07
CA ASN A 18 -3.99 -4.76 -0.82
C ASN A 18 -4.57 -5.44 -2.08
N THR A 19 -4.49 -4.81 -3.26
CA THR A 19 -5.16 -5.29 -4.48
C THR A 19 -4.70 -6.67 -4.97
N VAL A 20 -3.42 -7.02 -4.77
CA VAL A 20 -2.86 -8.34 -5.14
C VAL A 20 -3.33 -9.47 -4.21
N LEU A 21 -3.82 -9.12 -3.03
CA LEU A 21 -4.44 -10.02 -2.05
C LEU A 21 -5.97 -10.02 -2.15
N GLY A 22 -6.52 -8.90 -2.62
CA GLY A 22 -7.94 -8.54 -2.58
C GLY A 22 -8.40 -7.92 -1.25
N GLY A 23 -7.48 -7.73 -0.31
CA GLY A 23 -7.69 -7.27 1.06
C GLY A 23 -6.61 -7.85 2.00
N MET A 24 -6.25 -7.13 3.06
CA MET A 24 -5.07 -7.49 3.89
C MET A 24 -5.13 -8.85 4.59
N ALA A 25 -6.34 -9.35 4.87
CA ALA A 25 -6.58 -10.64 5.52
C ALA A 25 -7.85 -11.38 5.06
N LYS A 26 -8.98 -10.69 4.86
CA LYS A 26 -10.29 -11.29 4.63
C LYS A 26 -10.60 -11.48 3.15
N ALA A 27 -10.28 -10.46 2.36
CA ALA A 27 -10.28 -10.45 0.88
C ALA A 27 -11.65 -10.72 0.22
N ILE A 28 -12.71 -10.13 0.79
CA ILE A 28 -14.05 -10.07 0.15
C ILE A 28 -14.12 -9.07 -1.01
N GLY A 1 15.95 12.19 -0.84
CA GLY A 1 15.25 12.40 0.44
C GLY A 1 14.49 11.16 0.86
N TRP A 2 14.99 10.41 1.85
CA TRP A 2 14.42 9.13 2.31
C TRP A 2 13.03 9.28 2.93
N ILE A 3 12.73 10.46 3.46
CA ILE A 3 11.44 10.81 4.03
C ILE A 3 10.34 10.90 2.95
N ASN A 4 10.68 11.27 1.72
CA ASN A 4 9.76 11.32 0.57
C ASN A 4 9.52 9.91 0.05
N GLU A 5 10.56 9.07 0.10
CA GLU A 5 10.41 7.64 -0.12
C GLU A 5 9.47 7.04 0.94
N GLU A 6 9.31 7.65 2.13
CA GLU A 6 8.35 7.12 3.12
C GLU A 6 6.88 7.48 2.76
N LYS A 7 6.63 8.62 2.11
CA LYS A 7 5.27 9.04 1.70
C LYS A 7 4.87 8.45 0.35
N ILE A 8 5.85 8.15 -0.50
CA ILE A 8 5.66 7.43 -1.77
C ILE A 8 5.37 5.96 -1.49
N GLN A 9 6.12 5.29 -0.61
CA GLN A 9 5.89 3.87 -0.33
C GLN A 9 4.57 3.61 0.38
N LYS A 10 4.10 4.56 1.20
CA LYS A 10 2.74 4.59 1.77
C LYS A 10 1.65 4.74 0.69
N LYS A 11 1.92 5.42 -0.43
CA LYS A 11 1.02 5.47 -1.60
C LYS A 11 1.08 4.19 -2.45
N ILE A 12 2.26 3.59 -2.65
CA ILE A 12 2.37 2.24 -3.25
C ILE A 12 1.56 1.21 -2.44
N ASP A 13 1.54 1.39 -1.12
CA ASP A 13 0.75 0.60 -0.17
C ASP A 13 -0.77 0.75 -0.32
N GLU A 14 -1.24 1.75 -1.07
CA GLU A 14 -2.65 1.84 -1.48
C GLU A 14 -2.87 1.18 -2.83
N ARG A 15 -2.00 1.50 -3.80
CA ARG A 15 -2.27 1.15 -5.19
C ARG A 15 -1.94 -0.30 -5.55
N MET A 16 -1.09 -0.94 -4.77
CA MET A 16 -0.84 -2.39 -4.81
C MET A 16 -1.14 -3.04 -3.47
N GLY A 17 -0.84 -2.36 -2.36
CA GLY A 17 -0.93 -2.96 -1.03
C GLY A 17 -2.35 -3.39 -0.63
N ASN A 18 -3.39 -2.79 -1.23
CA ASN A 18 -4.77 -3.16 -0.98
C ASN A 18 -5.22 -4.38 -1.82
N THR A 19 -4.92 -4.43 -3.12
CA THR A 19 -5.39 -5.49 -4.03
C THR A 19 -4.74 -6.85 -3.71
N VAL A 20 -3.47 -6.87 -3.28
CA VAL A 20 -2.79 -8.11 -2.81
C VAL A 20 -3.38 -8.65 -1.49
N LEU A 21 -3.98 -7.78 -0.66
CA LEU A 21 -4.73 -8.13 0.56
C LEU A 21 -6.19 -8.53 0.27
N GLY A 22 -6.76 -7.99 -0.80
CA GLY A 22 -8.20 -8.05 -1.08
C GLY A 22 -8.99 -6.93 -0.39
N GLY A 23 -8.30 -5.93 0.16
CA GLY A 23 -8.87 -4.74 0.80
C GLY A 23 -9.12 -4.92 2.31
N MET A 24 -8.68 -3.97 3.14
CA MET A 24 -8.65 -4.10 4.61
C MET A 24 -10.01 -4.36 5.26
N ALA A 25 -11.12 -3.89 4.66
CA ALA A 25 -12.47 -3.98 5.21
C ALA A 25 -13.23 -5.27 4.82
N LYS A 26 -12.72 -6.04 3.86
CA LYS A 26 -13.37 -7.26 3.33
C LYS A 26 -12.43 -8.45 3.11
N ALA A 27 -11.25 -8.20 2.55
CA ALA A 27 -10.16 -9.13 2.27
C ALA A 27 -10.52 -10.35 1.39
N ILE A 28 -11.70 -10.34 0.75
CA ILE A 28 -12.26 -11.51 0.03
C ILE A 28 -11.44 -11.95 -1.18
N GLY A 1 17.32 9.97 1.96
CA GLY A 1 17.02 9.50 3.33
C GLY A 1 15.69 8.78 3.40
N TRP A 2 14.68 9.40 4.01
CA TRP A 2 13.39 8.76 4.33
C TRP A 2 12.15 9.61 4.01
N ILE A 3 12.28 10.94 3.97
CA ILE A 3 11.13 11.85 3.95
C ILE A 3 10.21 11.72 2.72
N ASN A 4 10.76 11.53 1.52
CA ASN A 4 9.95 11.18 0.33
C ASN A 4 9.69 9.69 0.27
N GLU A 5 10.74 8.94 0.56
CA GLU A 5 10.87 7.51 0.35
C GLU A 5 9.82 6.72 1.16
N GLU A 6 9.36 7.27 2.28
CA GLU A 6 8.35 6.62 3.13
C GLU A 6 6.92 6.85 2.60
N LYS A 7 6.66 8.07 2.13
CA LYS A 7 5.34 8.53 1.68
C LYS A 7 5.02 8.03 0.27
N ILE A 8 6.07 7.76 -0.52
CA ILE A 8 5.97 7.05 -1.79
C ILE A 8 5.55 5.60 -1.53
N GLN A 9 6.18 4.91 -0.58
CA GLN A 9 5.84 3.52 -0.28
C GLN A 9 4.46 3.38 0.38
N LYS A 10 4.06 4.35 1.22
CA LYS A 10 2.68 4.48 1.74
C LYS A 10 1.65 4.64 0.60
N LYS A 11 2.02 5.22 -0.54
CA LYS A 11 1.17 5.28 -1.75
C LYS A 11 1.19 3.96 -2.53
N ILE A 12 2.33 3.25 -2.60
CA ILE A 12 2.38 1.90 -3.17
C ILE A 12 1.51 0.91 -2.36
N ASP A 13 1.50 1.06 -1.04
CA ASP A 13 0.68 0.31 -0.08
C ASP A 13 -0.83 0.55 -0.28
N GLU A 14 -1.22 1.59 -1.02
CA GLU A 14 -2.60 1.82 -1.43
C GLU A 14 -2.86 1.28 -2.83
N ARG A 15 -2.08 1.74 -3.81
CA ARG A 15 -2.41 1.53 -5.22
C ARG A 15 -2.28 0.09 -5.72
N MET A 16 -1.45 -0.70 -5.03
CA MET A 16 -1.38 -2.15 -5.18
C MET A 16 -1.47 -2.86 -3.82
N GLY A 17 -1.01 -2.24 -2.72
CA GLY A 17 -0.99 -2.89 -1.41
C GLY A 17 -2.37 -3.21 -0.84
N ASN A 18 -3.42 -2.51 -1.29
CA ASN A 18 -4.80 -2.82 -0.89
C ASN A 18 -5.32 -4.09 -1.58
N THR A 19 -5.12 -4.24 -2.89
CA THR A 19 -5.67 -5.36 -3.68
C THR A 19 -4.89 -6.67 -3.50
N VAL A 20 -3.57 -6.61 -3.29
CA VAL A 20 -2.74 -7.81 -2.98
C VAL A 20 -2.98 -8.35 -1.55
N LEU A 21 -3.63 -7.55 -0.69
CA LEU A 21 -4.19 -7.98 0.60
C LEU A 21 -5.66 -8.40 0.44
N GLY A 22 -6.40 -7.76 -0.45
CA GLY A 22 -7.80 -8.07 -0.78
C GLY A 22 -8.83 -7.66 0.28
N GLY A 23 -8.43 -7.57 1.55
CA GLY A 23 -9.25 -7.16 2.69
C GLY A 23 -10.41 -8.09 3.05
N MET A 24 -10.49 -9.25 2.40
CA MET A 24 -11.41 -10.34 2.57
C MET A 24 -11.19 -11.17 3.85
N ALA A 25 -10.12 -10.89 4.59
CA ALA A 25 -9.59 -11.70 5.70
C ALA A 25 -8.97 -13.03 5.24
N LYS A 26 -8.54 -13.11 3.97
CA LYS A 26 -8.02 -14.35 3.33
C LYS A 26 -6.79 -14.10 2.45
N ALA A 27 -6.87 -13.08 1.62
CA ALA A 27 -5.81 -12.61 0.72
C ALA A 27 -5.38 -13.66 -0.32
N ILE A 28 -6.36 -14.14 -1.10
CA ILE A 28 -6.24 -15.13 -2.20
C ILE A 28 -6.97 -14.66 -3.47
N GLY A 1 13.83 14.84 -1.20
CA GLY A 1 14.52 14.61 0.09
C GLY A 1 14.62 13.13 0.40
N TRP A 2 14.32 12.77 1.66
CA TRP A 2 14.20 11.40 2.17
C TRP A 2 12.84 11.11 2.83
N ILE A 3 12.31 12.05 3.63
CA ILE A 3 11.14 11.86 4.50
C ILE A 3 9.84 11.74 3.71
N ASN A 4 9.69 12.56 2.67
CA ASN A 4 8.59 12.56 1.72
C ASN A 4 8.55 11.22 0.97
N GLU A 5 9.74 10.81 0.57
CA GLU A 5 9.99 9.56 -0.15
C GLU A 5 9.78 8.34 0.77
N GLU A 6 9.74 8.52 2.10
CA GLU A 6 9.37 7.44 3.04
C GLU A 6 7.84 7.25 3.15
N LYS A 7 7.06 8.28 2.80
CA LYS A 7 5.57 8.27 2.80
C LYS A 7 4.97 8.08 1.40
N ILE A 8 5.73 8.39 0.35
CA ILE A 8 5.39 8.12 -1.06
C ILE A 8 5.51 6.63 -1.37
N GLN A 9 6.62 5.98 -1.00
CA GLN A 9 6.85 4.57 -1.33
C GLN A 9 5.88 3.65 -0.58
N LYS A 10 5.50 4.08 0.63
CA LYS A 10 4.43 3.55 1.46
C LYS A 10 3.06 3.62 0.75
N LYS A 11 2.76 4.65 -0.04
CA LYS A 11 1.49 4.77 -0.79
C LYS A 11 1.38 3.73 -1.90
N ILE A 12 2.46 3.48 -2.63
CA ILE A 12 2.50 2.42 -3.65
C ILE A 12 2.29 1.04 -3.01
N ASP A 13 2.77 0.87 -1.78
CA ASP A 13 2.56 -0.31 -0.95
C ASP A 13 1.09 -0.54 -0.51
N GLU A 14 0.23 0.48 -0.56
CA GLU A 14 -1.22 0.37 -0.30
C GLU A 14 -1.93 -0.07 -1.56
N ARG A 15 -1.65 0.58 -2.70
CA ARG A 15 -2.44 0.32 -3.92
C ARG A 15 -2.22 -1.11 -4.43
N MET A 16 -0.97 -1.58 -4.29
CA MET A 16 -0.58 -2.97 -4.50
C MET A 16 -1.08 -3.83 -3.35
N GLY A 17 -0.90 -3.33 -2.12
CA GLY A 17 -1.25 -4.05 -0.89
C GLY A 17 -2.73 -4.47 -0.79
N ASN A 18 -3.61 -3.75 -1.49
CA ASN A 18 -5.05 -4.02 -1.54
C ASN A 18 -5.47 -4.96 -2.70
N THR A 19 -4.82 -4.93 -3.86
CA THR A 19 -5.17 -5.86 -4.98
C THR A 19 -4.66 -7.28 -4.77
N VAL A 20 -3.50 -7.44 -4.10
CA VAL A 20 -2.95 -8.76 -3.74
C VAL A 20 -3.73 -9.45 -2.61
N LEU A 21 -4.39 -8.66 -1.75
CA LEU A 21 -5.28 -9.11 -0.67
C LEU A 21 -6.71 -9.41 -1.15
N GLY A 22 -7.23 -8.56 -2.04
CA GLY A 22 -8.56 -8.67 -2.65
C GLY A 22 -9.69 -7.98 -1.87
N GLY A 23 -9.50 -7.66 -0.58
CA GLY A 23 -10.43 -6.82 0.18
C GLY A 23 -10.12 -6.70 1.67
N MET A 24 -9.94 -5.47 2.17
CA MET A 24 -9.67 -5.19 3.58
C MET A 24 -10.93 -5.39 4.43
N ALA A 25 -10.76 -5.77 5.70
CA ALA A 25 -11.84 -6.12 6.63
C ALA A 25 -12.81 -7.20 6.10
N LYS A 26 -12.33 -8.06 5.19
CA LYS A 26 -13.09 -9.08 4.46
C LYS A 26 -12.27 -10.30 4.07
N ALA A 27 -11.04 -10.12 3.60
CA ALA A 27 -10.11 -11.20 3.24
C ALA A 27 -9.44 -11.82 4.49
N ILE A 28 -10.26 -12.16 5.49
CA ILE A 28 -9.86 -12.81 6.76
C ILE A 28 -9.83 -14.34 6.63
N GLY A 1 17.43 7.01 0.78
CA GLY A 1 17.19 8.39 1.21
C GLY A 1 16.17 8.44 2.31
N TRP A 2 15.28 9.44 2.33
CA TRP A 2 14.22 9.63 3.30
C TRP A 2 13.08 10.45 2.68
N ILE A 3 12.29 11.10 3.52
CA ILE A 3 11.20 12.07 3.26
C ILE A 3 10.23 11.69 2.13
N ASN A 4 10.62 11.84 0.86
CA ASN A 4 9.87 11.40 -0.30
C ASN A 4 9.68 9.87 -0.26
N GLU A 5 10.74 9.16 0.11
CA GLU A 5 10.77 7.70 0.20
C GLU A 5 9.84 7.15 1.29
N GLU A 6 9.35 7.98 2.21
CA GLU A 6 8.38 7.58 3.24
C GLU A 6 6.93 7.67 2.71
N LYS A 7 6.62 8.75 1.98
CA LYS A 7 5.28 9.04 1.43
C LYS A 7 4.99 8.25 0.16
N ILE A 8 6.05 7.86 -0.56
CA ILE A 8 5.98 6.90 -1.67
C ILE A 8 5.64 5.51 -1.14
N GLN A 9 6.32 5.04 -0.09
CA GLN A 9 6.07 3.69 0.47
C GLN A 9 4.67 3.57 1.05
N LYS A 10 4.21 4.61 1.75
CA LYS A 10 2.83 4.81 2.22
C LYS A 10 1.79 4.80 1.09
N LYS A 11 2.14 5.21 -0.15
CA LYS A 11 1.26 5.15 -1.33
C LYS A 11 1.28 3.77 -2.01
N ILE A 12 2.42 3.09 -2.08
CA ILE A 12 2.48 1.70 -2.57
C ILE A 12 1.62 0.77 -1.69
N ASP A 13 1.65 1.02 -0.38
CA ASP A 13 0.80 0.40 0.64
C ASP A 13 -0.71 0.64 0.41
N GLU A 14 -1.11 1.53 -0.50
CA GLU A 14 -2.50 1.64 -0.97
C GLU A 14 -2.68 0.96 -2.32
N ARG A 15 -1.88 1.36 -3.34
CA ARG A 15 -2.17 0.99 -4.72
C ARG A 15 -1.89 -0.47 -5.04
N MET A 16 -0.91 -1.05 -4.34
CA MET A 16 -0.61 -2.47 -4.34
C MET A 16 -1.14 -3.12 -3.07
N GLY A 17 -0.98 -2.46 -1.92
CA GLY A 17 -1.36 -3.01 -0.61
C GLY A 17 -2.85 -3.39 -0.48
N ASN A 18 -3.74 -2.81 -1.29
CA ASN A 18 -5.13 -3.24 -1.40
C ASN A 18 -5.35 -4.36 -2.44
N THR A 19 -4.72 -4.32 -3.61
CA THR A 19 -4.95 -5.32 -4.68
C THR A 19 -4.43 -6.72 -4.30
N VAL A 20 -3.35 -6.81 -3.52
CA VAL A 20 -2.85 -8.10 -3.00
C VAL A 20 -3.80 -8.73 -1.96
N LEU A 21 -4.57 -7.90 -1.25
CA LEU A 21 -5.51 -8.30 -0.20
C LEU A 21 -6.92 -8.60 -0.75
N GLY A 22 -7.35 -7.87 -1.78
CA GLY A 22 -8.72 -7.90 -2.33
C GLY A 22 -9.71 -7.04 -1.53
N GLY A 23 -9.61 -7.01 -0.20
CA GLY A 23 -10.36 -6.06 0.63
C GLY A 23 -10.14 -6.21 2.13
N MET A 24 -9.87 -5.10 2.83
CA MET A 24 -9.86 -5.07 4.30
C MET A 24 -11.22 -5.55 4.82
N ALA A 25 -11.21 -6.35 5.89
CA ALA A 25 -12.36 -7.08 6.44
C ALA A 25 -13.13 -8.05 5.50
N LYS A 26 -12.87 -8.09 4.19
CA LYS A 26 -13.47 -9.03 3.21
C LYS A 26 -12.59 -10.22 2.90
N ALA A 27 -11.28 -9.99 2.99
CA ALA A 27 -10.21 -11.00 2.85
C ALA A 27 -10.18 -12.07 3.96
N ILE A 28 -11.24 -12.18 4.78
CA ILE A 28 -11.45 -13.23 5.79
C ILE A 28 -11.71 -14.59 5.14
N GLY A 1 14.63 15.85 -2.27
CA GLY A 1 14.41 15.48 -0.86
C GLY A 1 13.95 14.05 -0.77
N TRP A 2 14.63 13.24 0.05
CA TRP A 2 14.26 11.85 0.33
C TRP A 2 13.04 11.76 1.25
N ILE A 3 12.87 12.72 2.16
CA ILE A 3 11.80 12.71 3.16
C ILE A 3 10.39 12.59 2.54
N ASN A 4 10.07 13.32 1.46
CA ASN A 4 8.79 13.13 0.74
C ASN A 4 8.64 11.71 0.19
N GLU A 5 9.71 11.21 -0.39
CA GLU A 5 9.83 9.91 -1.06
C GLU A 5 9.83 8.72 -0.07
N GLU A 6 9.86 8.96 1.24
CA GLU A 6 9.61 7.93 2.26
C GLU A 6 8.11 7.80 2.55
N LYS A 7 7.39 8.93 2.65
CA LYS A 7 5.97 8.98 3.04
C LYS A 7 5.04 8.68 1.87
N ILE A 8 5.44 9.07 0.65
CA ILE A 8 4.74 8.70 -0.59
C ILE A 8 4.80 7.18 -0.80
N GLN A 9 5.98 6.57 -0.65
CA GLN A 9 6.18 5.15 -0.91
C GLN A 9 5.49 4.24 0.12
N LYS A 10 5.34 4.72 1.36
CA LYS A 10 4.49 4.12 2.41
C LYS A 10 3.00 4.10 2.02
N LYS A 11 2.51 5.06 1.24
CA LYS A 11 1.13 5.04 0.69
C LYS A 11 1.03 4.11 -0.53
N ILE A 12 2.10 3.96 -1.32
CA ILE A 12 2.17 2.93 -2.41
C ILE A 12 2.18 1.50 -1.85
N ASP A 13 2.82 1.29 -0.70
CA ASP A 13 2.86 0.01 0.04
C ASP A 13 1.47 -0.49 0.50
N GLU A 14 0.42 0.32 0.40
CA GLU A 14 -0.96 -0.09 0.63
C GLU A 14 -1.55 -0.65 -0.65
N ARG A 15 -1.44 0.08 -1.77
CA ARG A 15 -2.17 -0.32 -2.98
C ARG A 15 -1.59 -1.61 -3.58
N MET A 16 -0.26 -1.67 -3.64
CA MET A 16 0.51 -2.85 -4.10
C MET A 16 0.64 -3.90 -2.99
N GLY A 17 0.42 -3.49 -1.74
CA GLY A 17 0.25 -4.42 -0.63
C GLY A 17 -1.08 -5.19 -0.67
N ASN A 18 -2.17 -4.53 -1.09
CA ASN A 18 -3.53 -5.07 -1.01
C ASN A 18 -4.07 -5.61 -2.34
N THR A 19 -3.91 -4.92 -3.48
CA THR A 19 -4.50 -5.34 -4.77
C THR A 19 -4.05 -6.74 -5.21
N VAL A 20 -2.83 -7.10 -4.84
CA VAL A 20 -2.17 -8.38 -5.14
C VAL A 20 -2.74 -9.59 -4.39
N LEU A 21 -3.61 -9.37 -3.39
CA LEU A 21 -4.12 -10.37 -2.46
C LEU A 21 -5.65 -10.34 -2.34
N GLY A 22 -6.22 -9.14 -2.20
CA GLY A 22 -7.62 -8.90 -1.85
C GLY A 22 -7.89 -9.25 -0.38
N GLY A 23 -7.89 -10.55 -0.07
CA GLY A 23 -7.96 -11.11 1.27
C GLY A 23 -8.62 -12.49 1.28
N MET A 24 -7.96 -13.50 1.86
CA MET A 24 -8.36 -14.90 1.77
C MET A 24 -9.67 -15.21 2.51
N ALA A 25 -9.94 -14.55 3.64
CA ALA A 25 -11.23 -14.62 4.31
C ALA A 25 -12.19 -13.55 3.76
N LYS A 26 -11.68 -12.37 3.41
CA LYS A 26 -12.46 -11.22 2.93
C LYS A 26 -13.24 -11.53 1.64
N ALA A 27 -12.58 -12.06 0.60
CA ALA A 27 -13.21 -12.16 -0.72
C ALA A 27 -12.65 -13.20 -1.72
N ILE A 28 -11.37 -13.59 -1.64
CA ILE A 28 -10.69 -14.37 -2.71
C ILE A 28 -9.92 -15.58 -2.15
N GLY A 1 15.45 11.04 -1.20
CA GLY A 1 15.82 11.47 0.16
C GLY A 1 15.37 10.44 1.17
N TRP A 2 14.59 10.87 2.17
CA TRP A 2 14.06 10.03 3.24
C TRP A 2 12.53 10.10 3.35
N ILE A 3 11.97 11.27 3.69
CA ILE A 3 10.53 11.47 3.97
C ILE A 3 9.64 11.19 2.75
N ASN A 4 10.03 11.72 1.60
CA ASN A 4 9.47 11.42 0.28
C ASN A 4 9.32 9.92 0.08
N GLU A 5 10.44 9.24 0.28
CA GLU A 5 10.60 7.80 0.14
C GLU A 5 9.88 7.01 1.24
N GLU A 6 9.37 7.67 2.28
CA GLU A 6 8.42 7.05 3.22
C GLU A 6 6.97 7.20 2.72
N LYS A 7 6.58 8.41 2.28
CA LYS A 7 5.19 8.71 1.84
C LYS A 7 4.87 8.08 0.49
N ILE A 8 5.86 7.98 -0.39
CA ILE A 8 5.81 7.28 -1.67
C ILE A 8 5.59 5.78 -1.42
N GLN A 9 6.29 5.20 -0.45
CA GLN A 9 6.16 3.78 -0.10
C GLN A 9 4.81 3.50 0.58
N LYS A 10 4.34 4.39 1.46
CA LYS A 10 2.97 4.36 1.97
C LYS A 10 1.94 4.41 0.83
N LYS A 11 2.15 5.20 -0.23
CA LYS A 11 1.26 5.21 -1.41
C LYS A 11 1.32 3.87 -2.17
N ILE A 12 2.50 3.25 -2.33
CA ILE A 12 2.62 1.90 -2.91
C ILE A 12 1.80 0.87 -2.10
N ASP A 13 1.87 0.97 -0.77
CA ASP A 13 1.16 0.14 0.20
C ASP A 13 -0.38 0.27 0.15
N GLU A 14 -0.92 1.24 -0.61
CA GLU A 14 -2.34 1.37 -0.95
C GLU A 14 -2.59 0.96 -2.42
N ARG A 15 -1.84 1.56 -3.35
CA ARG A 15 -2.09 1.47 -4.79
C ARG A 15 -1.89 0.09 -5.42
N MET A 16 -1.17 -0.77 -4.70
CA MET A 16 -1.04 -2.21 -4.96
C MET A 16 -1.18 -3.03 -3.67
N GLY A 17 -0.81 -2.45 -2.51
CA GLY A 17 -0.94 -3.14 -1.22
C GLY A 17 -2.38 -3.49 -0.82
N ASN A 18 -3.40 -2.87 -1.42
CA ASN A 18 -4.79 -3.30 -1.27
C ASN A 18 -5.14 -4.52 -2.15
N THR A 19 -4.85 -4.47 -3.45
CA THR A 19 -5.31 -5.50 -4.41
C THR A 19 -4.70 -6.89 -4.14
N VAL A 20 -3.50 -6.93 -3.53
CA VAL A 20 -2.84 -8.18 -3.09
C VAL A 20 -3.46 -8.83 -1.84
N LEU A 21 -4.41 -8.17 -1.16
CA LEU A 21 -4.93 -8.57 0.17
C LEU A 21 -6.46 -8.57 0.27
N GLY A 22 -7.14 -7.53 -0.23
CA GLY A 22 -8.59 -7.36 -0.23
C GLY A 22 -9.29 -7.13 1.13
N GLY A 23 -8.73 -7.68 2.21
CA GLY A 23 -9.21 -7.56 3.59
C GLY A 23 -10.13 -8.73 3.99
N MET A 24 -10.00 -9.21 5.23
CA MET A 24 -10.71 -10.40 5.72
C MET A 24 -12.25 -10.30 5.73
N ALA A 25 -12.79 -9.10 5.94
CA ALA A 25 -14.23 -8.81 6.02
C ALA A 25 -14.80 -8.08 4.77
N LYS A 26 -13.94 -7.73 3.80
CA LYS A 26 -14.29 -6.95 2.61
C LYS A 26 -14.00 -7.73 1.33
N ALA A 27 -12.74 -8.11 1.15
CA ALA A 27 -12.21 -8.90 0.04
C ALA A 27 -12.44 -8.29 -1.37
N ILE A 28 -12.48 -6.95 -1.46
CA ILE A 28 -12.80 -6.15 -2.67
C ILE A 28 -11.77 -5.10 -3.04
N GLY A 1 16.48 10.01 -0.12
CA GLY A 1 16.89 9.90 1.29
C GLY A 1 16.17 8.72 1.92
N TRP A 2 15.33 8.97 2.92
CA TRP A 2 14.43 7.99 3.53
C TRP A 2 13.02 8.54 3.77
N ILE A 3 12.89 9.84 4.06
CA ILE A 3 11.65 10.47 4.54
C ILE A 3 10.57 10.55 3.44
N ASN A 4 10.97 10.96 2.24
CA ASN A 4 10.09 10.98 1.06
C ASN A 4 9.66 9.56 0.68
N GLU A 5 10.62 8.64 0.79
CA GLU A 5 10.49 7.23 0.50
C GLU A 5 9.57 6.49 1.48
N GLU A 6 9.19 7.08 2.62
CA GLU A 6 8.13 6.51 3.48
C GLU A 6 6.75 6.83 2.87
N LYS A 7 6.56 8.06 2.40
CA LYS A 7 5.26 8.60 1.99
C LYS A 7 4.92 8.24 0.53
N ILE A 8 5.93 8.14 -0.33
CA ILE A 8 5.76 7.60 -1.69
C ILE A 8 5.37 6.12 -1.63
N GLN A 9 6.05 5.31 -0.81
CA GLN A 9 5.77 3.87 -0.79
C GLN A 9 4.42 3.58 -0.10
N LYS A 10 3.98 4.45 0.82
CA LYS A 10 2.63 4.49 1.39
C LYS A 10 1.55 4.78 0.34
N LYS A 11 1.84 5.52 -0.74
CA LYS A 11 0.94 5.66 -1.90
C LYS A 11 0.97 4.44 -2.81
N ILE A 12 2.14 3.81 -3.01
CA ILE A 12 2.22 2.49 -3.69
C ILE A 12 1.38 1.44 -2.95
N ASP A 13 1.37 1.53 -1.62
CA ASP A 13 0.60 0.68 -0.71
C ASP A 13 -0.93 0.93 -0.76
N GLU A 14 -1.40 1.98 -1.44
CA GLU A 14 -2.84 2.16 -1.74
C GLU A 14 -3.17 1.49 -3.07
N ARG A 15 -2.36 1.80 -4.10
CA ARG A 15 -2.72 1.39 -5.46
C ARG A 15 -2.55 -0.11 -5.72
N MET A 16 -1.56 -0.73 -5.07
CA MET A 16 -1.34 -2.19 -5.10
C MET A 16 -1.32 -2.83 -3.71
N GLY A 17 -1.01 -2.07 -2.66
CA GLY A 17 -0.97 -2.60 -1.28
C GLY A 17 -2.34 -2.95 -0.70
N ASN A 18 -3.43 -2.65 -1.41
CA ASN A 18 -4.77 -3.15 -1.10
C ASN A 18 -5.03 -4.52 -1.76
N THR A 19 -4.76 -4.70 -3.05
CA THR A 19 -5.10 -5.94 -3.80
C THR A 19 -4.36 -7.18 -3.30
N VAL A 20 -3.11 -7.02 -2.85
CA VAL A 20 -2.29 -8.11 -2.25
C VAL A 20 -2.80 -8.57 -0.88
N LEU A 21 -3.64 -7.76 -0.21
CA LEU A 21 -4.40 -8.09 1.00
C LEU A 21 -5.83 -8.55 0.67
N GLY A 22 -6.37 -8.00 -0.41
CA GLY A 22 -7.76 -8.05 -0.85
C GLY A 22 -8.70 -7.09 -0.10
N GLY A 23 -8.14 -6.19 0.72
CA GLY A 23 -8.86 -5.26 1.60
C GLY A 23 -9.10 -5.89 2.97
N MET A 24 -8.57 -5.29 4.02
CA MET A 24 -8.50 -5.85 5.39
C MET A 24 -9.79 -6.49 5.93
N ALA A 25 -10.95 -5.92 5.62
CA ALA A 25 -12.25 -6.38 6.12
C ALA A 25 -12.92 -7.50 5.28
N LYS A 26 -12.35 -7.87 4.12
CA LYS A 26 -12.93 -8.84 3.18
C LYS A 26 -11.94 -9.87 2.60
N ALA A 27 -10.74 -9.41 2.24
CA ALA A 27 -9.65 -10.16 1.62
C ALA A 27 -10.03 -10.89 0.31
N ILE A 28 -10.93 -10.25 -0.45
CA ILE A 28 -11.65 -10.78 -1.62
C ILE A 28 -11.45 -9.88 -2.83
N GLY A 1 16.38 9.96 -0.79
CA GLY A 1 16.66 10.36 0.59
C GLY A 1 16.13 9.30 1.55
N TRP A 2 15.31 9.72 2.52
CA TRP A 2 14.55 8.85 3.41
C TRP A 2 13.08 9.28 3.55
N ILE A 3 12.80 10.59 3.68
CA ILE A 3 11.47 11.15 3.92
C ILE A 3 10.55 10.96 2.71
N ASN A 4 11.04 11.30 1.51
CA ASN A 4 10.30 11.12 0.26
C ASN A 4 9.86 9.66 0.10
N GLU A 5 10.77 8.77 0.44
CA GLU A 5 10.63 7.33 0.39
C GLU A 5 9.67 6.76 1.47
N GLU A 6 9.16 7.56 2.41
CA GLU A 6 8.05 7.19 3.29
C GLU A 6 6.70 7.59 2.70
N LYS A 7 6.62 8.79 2.11
CA LYS A 7 5.37 9.35 1.55
C LYS A 7 5.03 8.73 0.20
N ILE A 8 6.04 8.30 -0.55
CA ILE A 8 5.90 7.49 -1.76
C ILE A 8 5.43 6.08 -1.41
N GLN A 9 6.02 5.43 -0.40
CA GLN A 9 5.68 4.03 -0.08
C GLN A 9 4.30 3.90 0.58
N LYS A 10 3.85 4.96 1.27
CA LYS A 10 2.47 5.14 1.74
C LYS A 10 1.45 5.17 0.59
N LYS A 11 1.80 5.64 -0.62
CA LYS A 11 0.98 5.50 -1.84
C LYS A 11 1.04 4.08 -2.40
N ILE A 12 2.20 3.42 -2.39
CA ILE A 12 2.34 2.00 -2.79
C ILE A 12 1.45 1.09 -1.93
N ASP A 13 1.34 1.41 -0.63
CA ASP A 13 0.43 0.77 0.33
C ASP A 13 -1.06 0.89 -0.05
N GLU A 14 -1.43 1.79 -0.96
CA GLU A 14 -2.78 1.83 -1.54
C GLU A 14 -2.84 1.07 -2.86
N ARG A 15 -1.93 1.37 -3.80
CA ARG A 15 -2.05 0.89 -5.18
C ARG A 15 -1.65 -0.57 -5.39
N MET A 16 -0.93 -1.14 -4.42
CA MET A 16 -0.61 -2.55 -4.35
C MET A 16 -1.14 -3.15 -3.05
N GLY A 17 -1.04 -2.41 -1.94
CA GLY A 17 -1.41 -2.92 -0.63
C GLY A 17 -2.88 -3.32 -0.48
N ASN A 18 -3.78 -2.77 -1.30
CA ASN A 18 -5.20 -3.15 -1.28
C ASN A 18 -5.51 -4.40 -2.14
N THR A 19 -4.88 -4.58 -3.31
CA THR A 19 -5.12 -5.70 -4.24
C THR A 19 -4.41 -7.00 -3.83
N VAL A 20 -3.21 -6.93 -3.22
CA VAL A 20 -2.50 -8.12 -2.72
C VAL A 20 -3.21 -8.77 -1.53
N LEU A 21 -3.85 -7.95 -0.69
CA LEU A 21 -4.73 -8.36 0.41
C LEU A 21 -6.06 -8.93 -0.11
N GLY A 22 -6.63 -8.32 -1.15
CA GLY A 22 -7.98 -8.60 -1.66
C GLY A 22 -9.11 -7.92 -0.90
N GLY A 23 -8.79 -7.27 0.24
CA GLY A 23 -9.69 -6.49 1.09
C GLY A 23 -10.35 -7.35 2.18
N MET A 24 -10.46 -6.83 3.40
CA MET A 24 -10.88 -7.59 4.59
C MET A 24 -12.31 -8.16 4.47
N ALA A 25 -13.15 -7.53 3.66
CA ALA A 25 -14.52 -8.00 3.40
C ALA A 25 -14.62 -9.15 2.36
N LYS A 26 -13.53 -9.47 1.63
CA LYS A 26 -13.56 -10.39 0.47
C LYS A 26 -12.40 -11.38 0.39
N ALA A 27 -11.19 -10.87 0.63
CA ALA A 27 -9.90 -11.58 0.56
C ALA A 27 -9.73 -12.44 -0.72
N ILE A 28 -10.03 -11.82 -1.87
CA ILE A 28 -9.90 -12.38 -3.22
C ILE A 28 -8.48 -12.28 -3.77
N GLY A 1 16.00 9.20 -1.71
CA GLY A 1 16.44 9.61 -0.38
C GLY A 1 15.86 8.68 0.66
N TRP A 2 15.22 9.24 1.69
CA TRP A 2 14.49 8.49 2.72
C TRP A 2 13.10 9.07 3.00
N ILE A 3 13.02 10.38 3.27
CA ILE A 3 11.80 11.06 3.75
C ILE A 3 10.71 11.10 2.67
N ASN A 4 11.08 11.33 1.41
CA ASN A 4 10.15 11.25 0.28
C ASN A 4 9.62 9.81 0.13
N GLU A 5 10.51 8.85 0.33
CA GLU A 5 10.24 7.42 0.27
C GLU A 5 9.40 6.90 1.46
N GLU A 6 9.04 7.75 2.44
CA GLU A 6 8.02 7.41 3.46
C GLU A 6 6.60 7.72 2.98
N LYS A 7 6.42 8.77 2.15
CA LYS A 7 5.11 9.18 1.62
C LYS A 7 4.80 8.55 0.26
N ILE A 8 5.84 8.19 -0.50
CA ILE A 8 5.73 7.40 -1.73
C ILE A 8 5.37 5.95 -1.39
N GLN A 9 6.09 5.30 -0.48
CA GLN A 9 5.86 3.87 -0.16
C GLN A 9 4.49 3.63 0.47
N LYS A 10 4.03 4.57 1.31
CA LYS A 10 2.66 4.68 1.84
C LYS A 10 1.60 4.70 0.74
N LYS A 11 1.84 5.34 -0.41
CA LYS A 11 0.90 5.34 -1.56
C LYS A 11 1.01 4.06 -2.39
N ILE A 12 2.22 3.50 -2.55
CA ILE A 12 2.39 2.16 -3.14
C ILE A 12 1.62 1.09 -2.36
N ASP A 13 1.62 1.23 -1.03
CA ASP A 13 0.85 0.41 -0.09
C ASP A 13 -0.67 0.59 -0.19
N GLU A 14 -1.16 1.60 -0.91
CA GLU A 14 -2.58 1.70 -1.27
C GLU A 14 -2.83 1.13 -2.66
N ARG A 15 -1.99 1.46 -3.65
CA ARG A 15 -2.33 1.14 -5.03
C ARG A 15 -2.10 -0.34 -5.37
N MET A 16 -1.02 -0.93 -4.84
CA MET A 16 -0.76 -2.36 -4.89
C MET A 16 -1.22 -3.03 -3.60
N GLY A 17 -0.95 -2.39 -2.46
CA GLY A 17 -1.15 -2.99 -1.13
C GLY A 17 -2.59 -3.29 -0.75
N ASN A 18 -3.57 -2.86 -1.57
CA ASN A 18 -4.97 -3.29 -1.41
C ASN A 18 -5.33 -4.49 -2.30
N THR A 19 -4.97 -4.49 -3.58
CA THR A 19 -5.28 -5.61 -4.51
C THR A 19 -4.58 -6.91 -4.10
N VAL A 20 -3.40 -6.83 -3.47
CA VAL A 20 -2.67 -7.99 -2.87
C VAL A 20 -3.18 -8.42 -1.49
N LEU A 21 -4.09 -7.66 -0.88
CA LEU A 21 -4.63 -7.90 0.48
C LEU A 21 -6.09 -8.38 0.47
N GLY A 22 -6.84 -8.05 -0.58
CA GLY A 22 -8.28 -8.27 -0.65
C GLY A 22 -9.05 -7.10 -0.04
N GLY A 23 -8.71 -6.70 1.18
CA GLY A 23 -9.25 -5.55 1.89
C GLY A 23 -9.01 -5.61 3.41
N MET A 24 -9.40 -4.55 4.12
CA MET A 24 -9.06 -4.35 5.53
C MET A 24 -10.20 -4.80 6.46
N ALA A 25 -11.41 -4.33 6.18
CA ALA A 25 -12.60 -4.53 7.01
C ALA A 25 -13.19 -5.96 6.92
N LYS A 26 -13.03 -6.62 5.77
CA LYS A 26 -13.68 -7.91 5.43
C LYS A 26 -12.71 -8.90 4.80
N ALA A 27 -11.79 -8.38 4.00
CA ALA A 27 -10.75 -9.09 3.24
C ALA A 27 -11.30 -10.02 2.13
N ILE A 28 -12.54 -9.76 1.72
CA ILE A 28 -13.35 -10.52 0.77
C ILE A 28 -13.49 -9.73 -0.53
#